data_7B36
#
_entry.id   7B36
#
_cell.length_a   63.749
_cell.length_b   53.186
_cell.length_c   93.518
_cell.angle_alpha   90.000
_cell.angle_beta   96.355
_cell.angle_gamma   90.000
#
_symmetry.space_group_name_H-M   'P 1 21 1'
#
loop_
_entity.id
_entity.type
_entity.pdbx_description
1 polymer 'Serine/threonine-protein kinase 26'
2 non-polymer 1,2-ETHANEDIOL
3 non-polymer 8-[(trans-5-amino-1,3-dioxan-2-yl)methyl]-6-[2-chloro-4-(6-methylpyridin-2-yl)phenyl]-2-(methylamino)pyrido[2,3-d]pyrimidin-7(8H)-one
4 non-polymer 'CHLORIDE ION'
5 water water
#
_entity_poly.entity_id   1
_entity_poly.type   'polypeptide(L)'
_entity_poly.pdbx_seq_one_letter_code
;SMAHSPVAVQVPGMQNNIADPEELFTKLERIGKGSFGEVFKGIDNRTQQVVAIKIIDLEEAEDEIEDIQQEITVLSQCDS
SYVTKYYGSYLKGSKLWIIMEYLGGGSALDLLRAGPFDEFQIATMLKEILKGLDYLHSEKKIHRDIKAANVLLSEQGDVK
LADFGVAGQLTDTQIKRNTFVGTPFWMAPEVIQQSAYDSKADIWSLGITAIELAKGEPPNSDMHPMRVLFLIPKNNPPTL
VGDFTKSFKEFIDACLNKDPSFRPTAKELLKHKFIVKNSKKTSYLTELIDRFKRWKAEGHS
;
_entity_poly.pdbx_strand_id   A,C
#
loop_
_chem_comp.id
_chem_comp.type
_chem_comp.name
_chem_comp.formula
59T non-polymer 8-[(trans-5-amino-1,3-dioxan-2-yl)methyl]-6-[2-chloro-4-(6-methylpyridin-2-yl)phenyl]-2-(methylamino)pyrido[2,3-d]pyrimidin-7(8H)-one 'C25 H25 Cl N6 O3'
CL non-polymer 'CHLORIDE ION' 'Cl -1'
EDO non-polymer 1,2-ETHANEDIOL 'C2 H6 O2'
#
# COMPACT_ATOMS: atom_id res chain seq x y z
N ALA A 19 23.85 -39.90 15.09
CA ALA A 19 23.50 -38.66 14.39
C ALA A 19 24.07 -38.68 12.97
N ASP A 20 23.92 -39.82 12.30
CA ASP A 20 24.57 -40.08 11.02
C ASP A 20 23.57 -40.00 9.88
N PRO A 21 23.63 -38.97 9.02
CA PRO A 21 22.56 -38.77 8.03
C PRO A 21 22.51 -39.83 6.95
N GLU A 22 23.59 -40.58 6.73
CA GLU A 22 23.52 -41.66 5.77
C GLU A 22 22.79 -42.88 6.32
N GLU A 23 22.65 -42.98 7.64
CA GLU A 23 21.76 -43.95 8.26
C GLU A 23 20.33 -43.41 8.39
N LEU A 24 20.19 -42.13 8.76
CA LEU A 24 18.87 -41.55 8.97
C LEU A 24 18.07 -41.44 7.68
N PHE A 25 18.75 -41.28 6.55
CA PHE A 25 18.08 -40.93 5.31
C PHE A 25 18.47 -41.89 4.19
N THR A 26 17.54 -42.03 3.25
CA THR A 26 17.74 -42.76 2.02
C THR A 26 17.44 -41.83 0.85
N LYS A 27 18.39 -41.72 -0.07
CA LYS A 27 18.18 -40.98 -1.31
C LYS A 27 17.44 -41.87 -2.31
N LEU A 28 16.36 -41.35 -2.89
CA LEU A 28 15.51 -42.06 -3.84
C LEU A 28 15.78 -41.64 -5.29
N GLU A 29 15.87 -40.35 -5.56
CA GLU A 29 16.23 -39.93 -6.91
C GLU A 29 16.70 -38.48 -6.90
N ARG A 30 17.65 -38.20 -7.77
CA ARG A 30 18.17 -36.85 -7.92
C ARG A 30 17.07 -35.92 -8.42
N ILE A 31 17.04 -34.69 -7.88
CA ILE A 31 16.04 -33.69 -8.23
C ILE A 31 16.67 -32.62 -9.11
N GLY A 32 17.89 -32.20 -8.78
CA GLY A 32 18.55 -31.18 -9.56
C GLY A 32 19.88 -30.78 -8.95
N LYS A 33 20.37 -29.64 -9.41
CA LYS A 33 21.66 -29.12 -8.96
C LYS A 33 21.53 -27.71 -8.37
N SER A 35 20.90 -25.08 -5.32
CA SER A 35 21.92 -24.11 -5.68
C SER A 35 23.29 -24.77 -5.75
N PHE A 36 24.21 -24.27 -4.92
CA PHE A 36 25.51 -24.89 -4.74
C PHE A 36 25.34 -26.29 -4.17
N GLY A 37 25.53 -27.32 -5.00
CA GLY A 37 25.42 -28.70 -4.55
C GLY A 37 24.54 -29.56 -5.43
N GLU A 38 23.94 -30.59 -4.84
CA GLU A 38 23.04 -31.50 -5.54
C GLU A 38 21.91 -31.91 -4.60
N VAL A 39 20.70 -32.04 -5.16
CA VAL A 39 19.51 -32.24 -4.36
C VAL A 39 18.82 -33.56 -4.74
N PHE A 40 18.26 -34.22 -3.73
CA PHE A 40 17.60 -35.51 -3.88
C PHE A 40 16.21 -35.47 -3.29
N LYS A 41 15.32 -36.25 -3.89
CA LYS A 41 14.14 -36.75 -3.21
C LYS A 41 14.57 -37.87 -2.30
N GLY A 42 14.21 -37.75 -1.02
CA GLY A 42 14.68 -38.66 0.01
C GLY A 42 13.57 -39.07 0.96
N ILE A 43 13.96 -39.85 1.96
CA ILE A 43 13.00 -40.36 2.93
C ILE A 43 13.68 -40.46 4.27
N ASP A 44 12.95 -40.04 5.30
CA ASP A 44 13.41 -40.16 6.68
C ASP A 44 13.12 -41.58 7.14
N ASN A 45 14.19 -42.38 7.33
CA ASN A 45 13.99 -43.79 7.67
C ASN A 45 13.35 -43.98 9.05
N ARG A 46 13.33 -42.96 9.91
CA ARG A 46 12.67 -43.09 11.20
C ARG A 46 11.16 -42.90 11.11
N THR A 47 10.71 -42.00 10.23
CA THR A 47 9.30 -41.65 10.13
C THR A 47 8.66 -42.06 8.81
N GLN A 48 9.46 -42.43 7.81
CA GLN A 48 9.05 -42.67 6.43
C GLN A 48 8.55 -41.40 5.74
N GLN A 49 8.87 -40.23 6.28
CA GLN A 49 8.46 -38.99 5.62
C GLN A 49 9.34 -38.73 4.41
N VAL A 50 8.70 -38.50 3.26
CA VAL A 50 9.43 -38.06 2.08
C VAL A 50 9.92 -36.64 2.30
N VAL A 51 11.21 -36.42 2.06
CA VAL A 51 11.86 -35.13 2.26
C VAL A 51 12.64 -34.75 0.99
N ALA A 52 13.05 -33.50 0.94
CA ALA A 52 14.05 -33.03 0.00
C ALA A 52 15.36 -32.83 0.74
N ILE A 53 16.43 -33.39 0.19
CA ILE A 53 17.75 -33.42 0.82
C ILE A 53 18.73 -32.72 -0.12
N LYS A 54 19.39 -31.67 0.38
CA LYS A 54 20.47 -31.02 -0.34
C LYS A 54 21.78 -31.31 0.36
N ILE A 55 22.82 -31.56 -0.42
CA ILE A 55 24.15 -31.91 0.10
C ILE A 55 25.15 -30.93 -0.50
N ILE A 56 25.71 -30.09 0.35
CA ILE A 56 26.71 -29.12 -0.03
C ILE A 56 28.06 -29.61 0.47
N ASP A 57 29.04 -29.70 -0.43
CA ASP A 57 30.41 -30.00 -0.02
C ASP A 57 31.06 -28.71 0.44
N LEU A 58 31.34 -28.61 1.75
CA LEU A 58 31.87 -27.37 2.29
C LEU A 58 33.35 -27.18 2.02
N GLU A 59 33.99 -28.10 1.28
CA GLU A 59 35.37 -27.91 0.88
C GLU A 59 35.51 -27.28 -0.51
N GLU A 60 34.41 -27.13 -1.24
CA GLU A 60 34.43 -26.60 -2.59
C GLU A 60 33.53 -25.38 -2.75
N ALA A 61 33.28 -24.64 -1.68
CA ALA A 61 32.38 -23.50 -1.73
C ALA A 61 32.70 -22.51 -0.62
N GLU A 62 33.95 -22.06 -0.56
CA GLU A 62 34.39 -21.24 0.57
C GLU A 62 33.62 -19.93 0.65
N ASP A 63 33.44 -19.26 -0.49
CA ASP A 63 32.91 -17.90 -0.48
C ASP A 63 31.38 -17.84 -0.44
N GLU A 64 30.70 -18.97 -0.60
CA GLU A 64 29.25 -19.03 -0.47
C GLU A 64 28.79 -19.36 0.95
N ILE A 65 29.71 -19.68 1.85
CA ILE A 65 29.34 -20.27 3.13
C ILE A 65 28.55 -19.29 3.97
N GLU A 66 28.95 -18.01 3.97
CA GLU A 66 28.21 -17.01 4.72
C GLU A 66 26.76 -16.92 4.25
N ASP A 67 26.51 -17.16 2.96
CA ASP A 67 25.16 -17.10 2.44
C ASP A 67 24.35 -18.34 2.84
N ILE A 68 25.01 -19.47 3.09
CA ILE A 68 24.30 -20.71 3.37
C ILE A 68 23.63 -20.65 4.75
N GLN A 69 24.38 -20.20 5.77
CA GLN A 69 23.77 -20.10 7.09
C GLN A 69 22.76 -18.97 7.14
N GLN A 70 22.96 -17.93 6.33
CA GLN A 70 21.95 -16.87 6.21
C GLN A 70 20.62 -17.44 5.73
N GLU A 71 20.65 -18.27 4.67
CA GLU A 71 19.41 -18.82 4.15
C GLU A 71 18.76 -19.77 5.15
N ILE A 72 19.57 -20.54 5.89
CA ILE A 72 19.02 -21.45 6.89
C ILE A 72 18.36 -20.66 8.02
N THR A 73 19.04 -19.65 8.53
CA THR A 73 18.44 -18.79 9.55
C THR A 73 17.04 -18.32 9.14
N VAL A 74 16.93 -17.77 7.92
CA VAL A 74 15.66 -17.20 7.48
C VAL A 74 14.59 -18.27 7.38
N LEU A 75 14.88 -19.40 6.74
CA LEU A 75 13.85 -20.42 6.58
C LEU A 75 13.43 -20.98 7.93
N SER A 76 14.37 -21.09 8.86
CA SER A 76 14.03 -21.59 10.19
C SER A 76 13.13 -20.63 10.96
N GLN A 77 13.05 -19.37 10.54
CA GLN A 77 12.13 -18.43 11.18
C GLN A 77 10.75 -18.45 10.53
N CYS A 78 10.60 -19.11 9.38
CA CYS A 78 9.31 -19.21 8.70
C CYS A 78 8.55 -20.43 9.18
N ASP A 79 7.28 -20.24 9.47
CA ASP A 79 6.37 -21.31 9.84
C ASP A 79 5.08 -20.97 9.10
N SER A 80 5.11 -21.20 7.80
CA SER A 80 3.99 -20.87 6.93
C SER A 80 3.79 -22.02 5.97
N SER A 81 2.52 -22.30 5.64
CA SER A 81 2.19 -23.31 4.65
C SER A 81 2.54 -22.88 3.22
N TYR A 82 2.90 -21.61 3.01
CA TYR A 82 3.27 -21.08 1.71
C TYR A 82 4.78 -20.92 1.57
N VAL A 83 5.57 -21.34 2.56
CA VAL A 83 7.02 -21.35 2.48
C VAL A 83 7.49 -22.80 2.68
N THR A 84 8.37 -23.26 1.78
CA THR A 84 8.94 -24.60 1.88
C THR A 84 9.53 -24.82 3.27
N LYS A 85 9.08 -25.85 3.97
CA LYS A 85 9.51 -26.08 5.35
C LYS A 85 10.96 -26.53 5.42
N TYR A 86 11.63 -26.09 6.48
CA TYR A 86 13.00 -26.51 6.78
C TYR A 86 12.96 -27.41 8.01
N TYR A 87 13.55 -28.61 7.90
CA TYR A 87 13.47 -29.53 9.04
C TYR A 87 14.76 -29.64 9.82
N GLY A 88 15.90 -29.29 9.24
CA GLY A 88 17.14 -29.32 9.98
C GLY A 88 18.32 -29.60 9.08
N SER A 89 19.47 -29.69 9.70
CA SER A 89 20.75 -29.76 9.01
C SER A 89 21.64 -30.76 9.74
N TYR A 90 22.47 -31.45 8.98
CA TYR A 90 23.39 -32.44 9.53
C TYR A 90 24.74 -32.28 8.87
N LEU A 91 25.80 -32.55 9.62
CA LEU A 91 27.14 -32.51 9.10
C LEU A 91 27.76 -33.89 9.20
N LYS A 92 28.46 -34.29 8.15
CA LYS A 92 29.19 -35.54 8.15
C LYS A 92 30.39 -35.36 7.23
N GLY A 93 31.59 -35.37 7.82
CA GLY A 93 32.78 -35.02 7.06
C GLY A 93 32.70 -33.55 6.68
N SER A 94 33.00 -33.25 5.42
CA SER A 94 32.83 -31.91 4.87
C SER A 94 31.49 -31.75 4.17
N LYS A 95 30.59 -32.72 4.30
CA LYS A 95 29.28 -32.66 3.65
C LYS A 95 28.23 -32.14 4.62
N LEU A 96 27.49 -31.12 4.18
CA LEU A 96 26.39 -30.55 4.93
C LEU A 96 25.08 -31.01 4.30
N TRP A 97 24.25 -31.67 5.10
CA TRP A 97 22.96 -32.18 4.65
C TRP A 97 21.88 -31.22 5.13
N ILE A 98 21.12 -30.68 4.20
CA ILE A 98 20.00 -29.80 4.50
C ILE A 98 18.71 -30.51 4.11
N ILE A 99 17.79 -30.65 5.06
CA ILE A 99 16.57 -31.42 4.88
C ILE A 99 15.40 -30.45 4.83
N MET A 100 14.57 -30.58 3.80
CA MET A 100 13.44 -29.70 3.62
C MET A 100 12.25 -30.51 3.13
N GLU A 101 11.07 -29.90 3.24
CA GLU A 101 9.83 -30.49 2.75
C GLU A 101 9.96 -30.77 1.27
N TYR A 102 9.29 -31.83 0.80
CA TYR A 102 9.39 -32.27 -0.59
C TYR A 102 8.09 -31.93 -1.31
N LEU A 103 8.21 -31.36 -2.50
CA LEU A 103 7.05 -30.89 -3.27
C LEU A 103 7.09 -31.60 -4.63
N GLY A 104 6.17 -32.54 -4.83
CA GLY A 104 6.22 -33.44 -5.97
C GLY A 104 5.56 -32.93 -7.23
N GLY A 105 5.07 -31.70 -7.25
CA GLY A 105 4.48 -31.16 -8.47
C GLY A 105 5.48 -30.53 -9.41
N GLY A 106 6.65 -30.14 -8.92
CA GLY A 106 7.61 -29.43 -9.74
C GLY A 106 7.44 -27.93 -9.60
N SER A 107 8.36 -27.19 -10.23
CA SER A 107 8.25 -25.74 -10.18
C SER A 107 7.24 -25.25 -11.23
N ALA A 108 6.78 -23.99 -11.02
CA ALA A 108 5.97 -23.32 -12.03
C ALA A 108 6.70 -23.29 -13.37
N LEU A 109 8.00 -23.03 -13.35
CA LEU A 109 8.77 -23.11 -14.59
C LEU A 109 8.75 -24.53 -15.18
N ASP A 110 8.86 -25.57 -14.34
CA ASP A 110 8.69 -26.93 -14.87
C ASP A 110 7.32 -27.08 -15.53
N LEU A 111 6.26 -26.59 -14.87
CA LEU A 111 4.93 -26.80 -15.43
C LEU A 111 4.80 -26.08 -16.78
N LEU A 112 5.50 -24.96 -16.96
CA LEU A 112 5.51 -24.28 -18.26
C LEU A 112 6.13 -25.08 -19.39
N ARG A 113 6.99 -26.07 -19.10
CA ARG A 113 7.66 -26.73 -20.22
C ARG A 113 6.71 -27.55 -21.07
N ALA A 114 5.52 -27.86 -20.55
CA ALA A 114 4.56 -28.70 -21.26
C ALA A 114 3.43 -27.90 -21.89
N GLY A 115 3.59 -26.58 -22.02
CA GLY A 115 2.57 -25.75 -22.61
C GLY A 115 2.29 -24.46 -21.86
N PRO A 116 1.45 -23.62 -22.44
CA PRO A 116 1.12 -22.33 -21.83
C PRO A 116 0.06 -22.47 -20.73
N PHE A 117 0.08 -21.50 -19.81
CA PHE A 117 -1.00 -21.37 -18.82
C PHE A 117 -2.03 -20.39 -19.36
N ASP A 118 -3.30 -20.64 -19.04
CA ASP A 118 -4.33 -19.64 -19.30
C ASP A 118 -4.45 -18.70 -18.09
N GLU A 119 -5.27 -17.66 -18.26
CA GLU A 119 -5.35 -16.62 -17.24
C GLU A 119 -5.97 -17.15 -15.95
N PHE A 120 -6.88 -18.13 -16.04
CA PHE A 120 -7.40 -18.76 -14.83
C PHE A 120 -6.28 -19.40 -14.03
N GLN A 121 -5.47 -20.23 -14.69
CA GLN A 121 -4.35 -20.88 -14.02
C GLN A 121 -3.34 -19.85 -13.51
N ILE A 122 -3.03 -18.83 -14.32
CA ILE A 122 -2.05 -17.84 -13.90
C ILE A 122 -2.54 -17.14 -12.63
N ALA A 123 -3.80 -16.73 -12.64
CA ALA A 123 -4.37 -15.98 -11.51
C ALA A 123 -4.42 -16.83 -10.26
N THR A 124 -4.87 -18.08 -10.41
CA THR A 124 -4.88 -19.01 -9.29
C THR A 124 -3.50 -19.12 -8.64
N MET A 125 -2.45 -19.12 -9.47
CA MET A 125 -1.08 -19.33 -8.98
C MET A 125 -0.51 -18.06 -8.35
N LEU A 126 -0.70 -16.93 -9.01
CA LEU A 126 -0.28 -15.65 -8.45
C LEU A 126 -0.98 -15.40 -7.12
N LYS A 127 -2.24 -15.82 -7.02
CA LYS A 127 -2.94 -15.66 -5.75
C LYS A 127 -2.20 -16.37 -4.63
N GLU A 128 -1.68 -17.57 -4.91
CA GLU A 128 -1.00 -18.33 -3.86
C GLU A 128 0.38 -17.76 -3.55
N ILE A 129 1.13 -17.35 -4.59
CA ILE A 129 2.39 -16.65 -4.41
C ILE A 129 2.18 -15.38 -3.59
N LEU A 130 1.11 -14.63 -3.88
CA LEU A 130 0.80 -13.42 -3.13
C LEU A 130 0.58 -13.72 -1.66
N LYS A 131 -0.03 -14.87 -1.34
CA LYS A 131 -0.23 -15.20 0.07
C LYS A 131 1.10 -15.48 0.74
N GLY A 132 2.01 -16.14 0.02
CA GLY A 132 3.37 -16.34 0.44
C GLY A 132 4.01 -15.01 0.78
N LEU A 133 3.98 -14.08 -0.18
CA LEU A 133 4.62 -12.78 0.01
C LEU A 133 3.99 -12.02 1.15
N ASP A 134 2.66 -12.08 1.28
CA ASP A 134 2.02 -11.37 2.39
C ASP A 134 2.48 -11.92 3.72
N TYR A 135 2.70 -13.24 3.80
CA TYR A 135 3.27 -13.79 5.02
C TYR A 135 4.66 -13.21 5.27
N LEU A 136 5.56 -13.31 4.28
CA LEU A 136 6.93 -12.86 4.50
C LEU A 136 6.99 -11.40 4.91
N HIS A 137 6.29 -10.53 4.17
CA HIS A 137 6.37 -9.08 4.40
C HIS A 137 5.78 -8.70 5.75
N SER A 138 4.76 -9.42 6.20
CA SER A 138 4.22 -9.14 7.53
C SER A 138 5.14 -9.66 8.64
N GLU A 139 6.08 -10.54 8.33
CA GLU A 139 7.15 -10.90 9.26
C GLU A 139 8.43 -10.12 8.99
N LYS A 140 8.35 -9.11 8.12
CA LYS A 140 9.43 -8.18 7.82
C LYS A 140 10.59 -8.86 7.09
N LYS A 141 10.29 -9.89 6.29
CA LYS A 141 11.26 -10.58 5.45
C LYS A 141 10.97 -10.29 3.98
N ILE A 142 12.00 -10.34 3.16
CA ILE A 142 11.88 -10.15 1.72
C ILE A 142 12.41 -11.41 1.06
N HIS A 143 11.65 -11.96 0.11
CA HIS A 143 12.07 -13.19 -0.55
C HIS A 143 13.32 -12.97 -1.39
N ARG A 144 13.28 -12.00 -2.28
CA ARG A 144 14.39 -11.41 -3.05
C ARG A 144 14.64 -12.08 -4.41
N ASP A 145 14.01 -13.21 -4.70
CA ASP A 145 14.25 -13.88 -5.98
C ASP A 145 12.98 -14.55 -6.46
N ILE A 146 11.87 -13.81 -6.46
CA ILE A 146 10.62 -14.37 -6.96
C ILE A 146 10.73 -14.55 -8.46
N LYS A 147 10.45 -15.76 -8.93
CA LYS A 147 10.52 -16.18 -10.32
C LYS A 147 9.89 -17.56 -10.41
N ALA A 148 9.46 -17.94 -11.62
CA ALA A 148 8.69 -19.17 -11.74
C ALA A 148 9.51 -20.40 -11.32
N ALA A 149 10.84 -20.35 -11.49
CA ALA A 149 11.65 -21.49 -11.10
C ALA A 149 11.71 -21.65 -9.58
N ASN A 150 11.37 -20.61 -8.82
CA ASN A 150 11.46 -20.68 -7.36
C ASN A 150 10.10 -20.87 -6.70
N VAL A 151 9.09 -21.19 -7.48
CA VAL A 151 7.74 -21.46 -7.00
C VAL A 151 7.50 -22.95 -7.18
N LEU A 152 7.43 -23.69 -6.08
CA LEU A 152 7.29 -25.14 -6.12
C LEU A 152 5.87 -25.52 -5.76
N LEU A 153 5.36 -26.57 -6.41
CA LEU A 153 4.03 -27.07 -6.14
C LEU A 153 4.12 -28.47 -5.54
N SER A 154 3.28 -28.72 -4.53
CA SER A 154 3.05 -30.10 -4.13
C SER A 154 2.24 -30.78 -5.22
N GLU A 155 2.27 -32.11 -5.22
CA GLU A 155 1.61 -32.86 -6.30
C GLU A 155 0.10 -32.68 -6.23
N GLN A 156 -0.45 -32.38 -5.06
CA GLN A 156 -1.86 -32.07 -4.96
C GLN A 156 -2.16 -30.59 -5.18
N GLY A 157 -1.16 -29.80 -5.58
CA GLY A 157 -1.40 -28.44 -6.05
C GLY A 157 -1.21 -27.28 -5.08
N ASP A 158 -0.65 -27.51 -3.89
CA ASP A 158 -0.26 -26.39 -3.05
C ASP A 158 0.88 -25.64 -3.71
N VAL A 159 0.95 -24.34 -3.46
CA VAL A 159 1.93 -23.46 -4.08
C VAL A 159 2.79 -22.86 -3.00
N LYS A 160 4.10 -23.06 -3.09
CA LYS A 160 5.00 -22.62 -2.03
C LYS A 160 6.23 -21.95 -2.62
N LEU A 161 6.87 -21.15 -1.79
CA LEU A 161 8.07 -20.42 -2.17
C LEU A 161 9.31 -21.15 -1.67
N ALA A 162 10.36 -21.09 -2.49
CA ALA A 162 11.65 -21.71 -2.18
C ALA A 162 12.77 -20.82 -2.72
N ASP A 163 14.00 -21.17 -2.36
CA ASP A 163 15.20 -20.56 -2.92
C ASP A 163 15.18 -19.03 -2.74
N PHE A 164 15.17 -18.61 -1.47
CA PHE A 164 15.24 -17.21 -1.12
C PHE A 164 16.53 -16.58 -1.65
N GLY A 165 16.49 -15.27 -1.87
CA GLY A 165 17.66 -14.55 -2.35
C GLY A 165 18.61 -14.13 -1.24
N VAL A 166 19.84 -13.78 -1.66
CA VAL A 166 20.91 -13.39 -0.73
C VAL A 166 20.86 -11.89 -0.51
N ALA A 167 20.99 -11.47 0.74
CA ALA A 167 21.06 -10.05 1.08
C ALA A 167 22.50 -9.58 1.13
N GLY A 182 24.59 -12.28 -11.14
CA GLY A 182 23.94 -13.49 -11.59
C GLY A 182 23.00 -13.25 -12.75
N THR A 183 21.72 -13.62 -12.58
CA THR A 183 20.68 -13.30 -13.56
C THR A 183 19.85 -12.14 -13.07
N PRO A 184 19.86 -10.99 -13.75
CA PRO A 184 19.11 -9.81 -13.30
C PRO A 184 17.74 -9.62 -13.93
N PHE A 185 17.16 -10.64 -14.59
CA PHE A 185 15.97 -10.40 -15.41
C PHE A 185 14.73 -10.07 -14.56
N TRP A 186 14.68 -10.56 -13.32
CA TRP A 186 13.53 -10.34 -12.44
C TRP A 186 13.79 -9.26 -11.39
N MET A 187 14.98 -8.64 -11.40
CA MET A 187 15.35 -7.69 -10.36
C MET A 187 14.67 -6.35 -10.58
N ALA A 188 14.13 -5.79 -9.49
CA ALA A 188 13.58 -4.45 -9.55
C ALA A 188 14.69 -3.42 -9.80
N PRO A 189 14.40 -2.33 -10.50
CA PRO A 189 15.45 -1.35 -10.76
C PRO A 189 16.11 -0.80 -9.50
N GLU A 190 15.38 -0.64 -8.38
CA GLU A 190 16.03 -0.11 -7.19
C GLU A 190 16.98 -1.10 -6.55
N VAL A 191 16.82 -2.41 -6.78
CA VAL A 191 17.83 -3.34 -6.29
C VAL A 191 19.04 -3.37 -7.19
N ILE A 192 18.87 -3.05 -8.48
CA ILE A 192 20.00 -3.00 -9.40
C ILE A 192 20.91 -1.82 -9.10
N GLN A 193 20.33 -0.66 -8.76
CA GLN A 193 21.13 0.53 -8.49
C GLN A 193 21.79 0.50 -7.12
N GLN A 194 21.70 -0.63 -6.40
CA GLN A 194 22.25 -0.82 -5.05
C GLN A 194 21.49 0.00 -4.02
N SER A 195 20.59 0.88 -4.47
CA SER A 195 19.71 1.60 -3.56
C SER A 195 19.02 0.63 -2.61
N ALA A 196 19.27 0.80 -1.31
CA ALA A 196 18.68 -0.08 -0.30
C ALA A 196 17.17 -0.16 -0.50
N TYR A 197 16.66 -1.38 -0.61
CA TYR A 197 15.30 -1.61 -1.06
C TYR A 197 14.44 -2.15 0.10
N ASP A 198 13.19 -2.44 -0.22
CA ASP A 198 12.27 -3.05 0.76
C ASP A 198 11.49 -4.16 0.07
N SER A 199 10.37 -4.54 0.68
CA SER A 199 9.54 -5.62 0.17
C SER A 199 8.89 -5.29 -1.17
N LYS A 200 8.78 -4.01 -1.54
CA LYS A 200 8.22 -3.69 -2.84
C LYS A 200 9.05 -4.28 -3.99
N ALA A 201 10.33 -4.58 -3.75
CA ALA A 201 11.12 -5.32 -4.73
C ALA A 201 10.46 -6.64 -5.09
N ASP A 202 9.89 -7.33 -4.09
CA ASP A 202 9.19 -8.57 -4.36
C ASP A 202 7.97 -8.35 -5.25
N ILE A 203 7.31 -7.19 -5.14
CA ILE A 203 6.14 -6.95 -5.97
C ILE A 203 6.54 -6.76 -7.43
N TRP A 204 7.60 -5.98 -7.68
CA TRP A 204 8.14 -5.91 -9.04
C TRP A 204 8.42 -7.30 -9.61
N SER A 205 9.24 -8.09 -8.90
CA SER A 205 9.60 -9.45 -9.36
C SER A 205 8.36 -10.29 -9.64
N LEU A 206 7.33 -10.13 -8.81
CA LEU A 206 6.05 -10.79 -9.07
C LEU A 206 5.46 -10.33 -10.41
N GLY A 207 5.55 -9.02 -10.69
CA GLY A 207 5.10 -8.53 -11.99
C GLY A 207 5.84 -9.20 -13.14
N ILE A 208 7.16 -9.32 -13.03
CA ILE A 208 7.94 -10.02 -14.06
C ILE A 208 7.54 -11.49 -14.10
N THR A 209 7.30 -12.09 -12.93
CA THR A 209 6.89 -13.50 -12.92
C THR A 209 5.56 -13.67 -13.64
N ALA A 210 4.68 -12.68 -13.51
CA ALA A 210 3.40 -12.78 -14.18
C ALA A 210 3.58 -12.76 -15.69
N ILE A 211 4.49 -11.92 -16.19
CA ILE A 211 4.79 -11.93 -17.62
C ILE A 211 5.41 -13.26 -18.03
N GLU A 212 6.30 -13.80 -17.17
CA GLU A 212 6.92 -15.09 -17.45
C GLU A 212 5.88 -16.20 -17.50
N LEU A 213 4.87 -16.17 -16.62
CA LEU A 213 3.84 -17.19 -16.71
C LEU A 213 2.96 -17.01 -17.94
N ALA A 214 2.88 -15.79 -18.48
CA ALA A 214 2.07 -15.54 -19.65
C ALA A 214 2.80 -15.79 -20.96
N LYS A 215 4.10 -15.48 -21.01
CA LYS A 215 4.88 -15.62 -22.24
C LYS A 215 5.96 -16.71 -22.17
N GLY A 216 6.10 -17.39 -21.04
CA GLY A 216 7.11 -18.42 -20.85
C GLY A 216 8.45 -17.92 -20.34
N GLU A 217 8.70 -16.63 -20.40
CA GLU A 217 10.03 -16.14 -20.06
C GLU A 217 9.93 -14.66 -19.76
N PRO A 218 10.88 -14.09 -19.04
CA PRO A 218 10.75 -12.69 -18.61
C PRO A 218 11.09 -11.75 -19.75
N PRO A 219 10.84 -10.44 -19.61
CA PRO A 219 11.28 -9.49 -20.64
C PRO A 219 12.79 -9.50 -20.81
N ASN A 220 13.23 -9.12 -22.00
CA ASN A 220 14.66 -9.01 -22.33
C ASN A 220 15.37 -10.37 -22.23
N SER A 221 14.67 -11.48 -22.47
CA SER A 221 15.26 -12.80 -22.24
C SER A 221 16.47 -13.07 -23.14
N ASP A 222 16.56 -12.39 -24.28
CA ASP A 222 17.66 -12.62 -25.20
C ASP A 222 18.87 -11.75 -24.91
N MET A 223 18.71 -10.61 -24.22
CA MET A 223 19.85 -9.75 -23.95
C MET A 223 20.84 -10.42 -23.01
N HIS A 224 22.11 -10.08 -23.18
CA HIS A 224 23.10 -10.53 -22.21
C HIS A 224 22.81 -9.88 -20.84
N PRO A 225 22.93 -10.65 -19.75
CA PRO A 225 22.56 -10.11 -18.42
C PRO A 225 23.28 -8.83 -18.01
N MET A 226 24.52 -8.61 -18.42
CA MET A 226 25.20 -7.36 -18.10
C MET A 226 24.63 -6.19 -18.91
N ARG A 227 23.95 -6.46 -20.03
CA ARG A 227 23.22 -5.39 -20.68
C ARG A 227 21.93 -5.09 -19.93
N VAL A 228 21.21 -6.15 -19.50
CA VAL A 228 19.95 -6.00 -18.78
C VAL A 228 20.14 -5.24 -17.49
N LEU A 229 21.31 -5.36 -16.86
CA LEU A 229 21.58 -4.66 -15.61
C LEU A 229 21.45 -3.14 -15.74
N PHE A 230 21.62 -2.58 -16.95
CA PHE A 230 21.39 -1.15 -17.12
C PHE A 230 20.13 -0.81 -17.90
N LEU A 231 19.54 -1.77 -18.63
CA LEU A 231 18.32 -1.47 -19.37
C LEU A 231 17.11 -1.39 -18.46
N ILE A 232 17.10 -2.17 -17.38
CA ILE A 232 15.97 -2.15 -16.45
C ILE A 232 15.77 -0.77 -15.83
N PRO A 233 16.78 -0.12 -15.24
CA PRO A 233 16.50 1.23 -14.69
C PRO A 233 16.32 2.28 -15.76
N LYS A 234 16.97 2.11 -16.92
CA LYS A 234 16.88 3.11 -17.97
C LYS A 234 15.55 3.06 -18.70
N ASN A 235 15.02 1.88 -18.94
CA ASN A 235 13.84 1.78 -19.78
C ASN A 235 12.57 2.00 -18.97
N ASN A 236 11.51 2.44 -19.67
CA ASN A 236 10.14 2.34 -19.18
C ASN A 236 9.85 0.90 -18.75
N PRO A 237 8.88 0.69 -17.86
CA PRO A 237 8.61 -0.66 -17.36
C PRO A 237 8.08 -1.57 -18.45
N PRO A 238 8.36 -2.88 -18.37
CA PRO A 238 7.71 -3.81 -19.30
C PRO A 238 6.20 -3.75 -19.15
N THR A 239 5.50 -3.99 -20.25
CA THR A 239 4.06 -4.23 -20.23
C THR A 239 3.78 -5.57 -20.89
N LEU A 240 2.59 -6.10 -20.65
CA LEU A 240 2.15 -7.35 -21.29
C LEU A 240 1.40 -7.00 -22.57
N VAL A 241 1.98 -7.31 -23.70
CA VAL A 241 1.39 -7.00 -24.99
C VAL A 241 0.65 -8.23 -25.51
N GLY A 242 -0.56 -8.03 -26.00
CA GLY A 242 -1.18 -9.08 -26.79
C GLY A 242 -2.60 -9.32 -26.38
N ASP A 243 -3.09 -10.51 -26.72
CA ASP A 243 -4.47 -10.90 -26.47
C ASP A 243 -4.61 -11.41 -25.04
N PHE A 244 -4.52 -10.47 -24.09
CA PHE A 244 -4.78 -10.74 -22.68
C PHE A 244 -5.81 -9.74 -22.16
N THR A 245 -6.58 -10.12 -21.13
CA THR A 245 -7.61 -9.21 -20.64
C THR A 245 -7.02 -7.90 -20.10
N LYS A 246 -7.81 -6.84 -20.14
CA LYS A 246 -7.32 -5.57 -19.62
C LYS A 246 -6.96 -5.67 -18.14
N SER A 247 -7.80 -6.35 -17.33
CA SER A 247 -7.49 -6.55 -15.91
C SER A 247 -6.13 -7.20 -15.71
N PHE A 248 -5.84 -8.26 -16.47
CA PHE A 248 -4.51 -8.89 -16.39
C PHE A 248 -3.41 -7.89 -16.74
N LYS A 249 -3.60 -7.13 -17.83
CA LYS A 249 -2.60 -6.13 -18.18
C LYS A 249 -2.41 -5.13 -17.04
N GLU A 250 -3.52 -4.66 -16.45
CA GLU A 250 -3.44 -3.65 -15.40
C GLU A 250 -2.81 -4.21 -14.12
N PHE A 251 -3.04 -5.50 -13.83
CA PHE A 251 -2.36 -6.12 -12.69
C PHE A 251 -0.85 -5.99 -12.83
N ILE A 252 -0.32 -6.29 -14.03
CA ILE A 252 1.13 -6.24 -14.25
C ILE A 252 1.63 -4.80 -14.26
N ASP A 253 0.86 -3.85 -14.83
CA ASP A 253 1.30 -2.45 -14.82
C ASP A 253 1.41 -1.88 -13.41
N ALA A 254 0.55 -2.33 -12.48
CA ALA A 254 0.68 -1.84 -11.11
C ALA A 254 1.95 -2.38 -10.45
N CYS A 255 2.26 -3.66 -10.69
CA CYS A 255 3.45 -4.26 -10.10
C CYS A 255 4.71 -3.61 -10.63
N LEU A 256 4.72 -3.20 -11.91
CA LEU A 256 5.94 -2.75 -12.54
C LEU A 256 6.08 -1.23 -12.56
N ASN A 257 5.53 -0.54 -11.56
CA ASN A 257 5.84 0.88 -11.45
C ASN A 257 7.31 1.03 -11.08
N LYS A 258 8.02 1.89 -11.82
CA LYS A 258 9.43 2.14 -11.52
C LYS A 258 9.59 2.69 -10.10
N ASP A 259 8.71 3.58 -9.67
CA ASP A 259 8.76 4.10 -8.30
C ASP A 259 8.16 3.05 -7.36
N PRO A 260 8.93 2.52 -6.40
CA PRO A 260 8.41 1.42 -5.57
C PRO A 260 7.22 1.82 -4.70
N SER A 261 7.18 3.03 -4.14
CA SER A 261 6.05 3.36 -3.30
C SER A 261 4.72 3.39 -4.05
N PHE A 262 4.76 3.37 -5.38
CA PHE A 262 3.52 3.29 -6.15
C PHE A 262 3.12 1.87 -6.50
N ARG A 263 3.97 0.83 -6.18
CA ARG A 263 3.57 -0.56 -6.31
C ARG A 263 2.61 -0.95 -5.18
N PRO A 264 1.61 -1.77 -5.46
CA PRO A 264 0.71 -2.21 -4.38
C PRO A 264 1.40 -3.20 -3.48
N THR A 265 0.91 -3.26 -2.26
CA THR A 265 1.33 -4.30 -1.33
C THR A 265 0.72 -5.63 -1.76
N ALA A 266 1.22 -6.71 -1.15
CA ALA A 266 0.71 -8.03 -1.48
C ALA A 266 -0.77 -8.15 -1.11
N LYS A 267 -1.18 -7.61 0.05
CA LYS A 267 -2.59 -7.73 0.44
C LYS A 267 -3.49 -6.96 -0.50
N GLU A 268 -3.02 -5.82 -1.00
CA GLU A 268 -3.84 -5.08 -1.94
C GLU A 268 -4.00 -5.89 -3.22
N LEU A 269 -2.93 -6.53 -3.68
CA LEU A 269 -3.00 -7.29 -4.92
C LEU A 269 -3.93 -8.49 -4.81
N LEU A 270 -4.04 -9.07 -3.62
CA LEU A 270 -5.01 -10.13 -3.37
C LEU A 270 -6.45 -9.71 -3.63
N LYS A 271 -6.77 -8.43 -3.60
CA LYS A 271 -8.11 -7.99 -3.98
C LYS A 271 -8.15 -7.37 -5.37
N HIS A 272 -7.08 -7.44 -6.13
CA HIS A 272 -7.10 -6.85 -7.46
C HIS A 272 -8.09 -7.61 -8.34
N LYS A 273 -8.82 -6.86 -9.16
CA LYS A 273 -9.84 -7.36 -10.08
C LYS A 273 -9.40 -8.62 -10.82
N PHE A 274 -8.13 -8.64 -11.26
CA PHE A 274 -7.64 -9.78 -12.02
C PHE A 274 -7.68 -11.05 -11.18
N ILE A 275 -7.18 -10.97 -9.93
CA ILE A 275 -7.18 -12.12 -9.04
C ILE A 275 -8.62 -12.51 -8.68
N VAL A 276 -9.40 -11.55 -8.19
CA VAL A 276 -10.77 -11.84 -7.73
C VAL A 276 -11.58 -12.49 -8.85
N LYS A 277 -11.50 -11.93 -10.06
CA LYS A 277 -12.34 -12.40 -11.16
C LYS A 277 -11.84 -13.71 -11.79
N ASN A 278 -10.53 -14.00 -11.71
CA ASN A 278 -9.98 -15.10 -12.49
C ASN A 278 -9.42 -16.26 -11.67
N SER A 279 -9.33 -16.14 -10.34
CA SER A 279 -8.71 -17.21 -9.57
C SER A 279 -9.73 -18.32 -9.29
N LYS A 280 -9.26 -19.56 -9.23
CA LYS A 280 -10.14 -20.72 -9.22
C LYS A 280 -9.64 -21.71 -8.17
N LYS A 281 -10.33 -22.85 -8.06
CA LYS A 281 -9.98 -23.84 -7.05
C LYS A 281 -8.68 -24.58 -7.43
N THR A 282 -8.10 -25.28 -6.44
CA THR A 282 -6.75 -25.80 -6.55
C THR A 282 -6.60 -26.80 -7.70
N SER A 283 -7.69 -27.49 -8.05
CA SER A 283 -7.64 -28.45 -9.15
C SER A 283 -7.30 -27.78 -10.49
N TYR A 284 -7.42 -26.46 -10.60
CA TYR A 284 -6.91 -25.81 -11.80
C TYR A 284 -5.40 -25.93 -11.90
N LEU A 285 -4.71 -26.16 -10.79
CA LEU A 285 -3.28 -26.35 -10.85
C LEU A 285 -2.89 -27.81 -10.99
N THR A 286 -3.61 -28.74 -10.33
CA THR A 286 -3.30 -30.16 -10.48
C THR A 286 -3.47 -30.60 -11.93
N GLU A 287 -4.36 -29.96 -12.67
CA GLU A 287 -4.46 -30.21 -14.10
C GLU A 287 -3.16 -29.87 -14.81
N LEU A 288 -2.48 -28.79 -14.39
CA LEU A 288 -1.16 -28.50 -14.94
C LEU A 288 -0.12 -29.53 -14.49
N ILE A 289 -0.17 -29.94 -13.21
CA ILE A 289 0.74 -30.97 -12.70
C ILE A 289 0.55 -32.26 -13.49
N ASP A 290 -0.71 -32.67 -13.70
CA ASP A 290 -0.95 -33.91 -14.45
C ASP A 290 -0.47 -33.77 -15.89
N ARG A 291 -0.65 -32.59 -16.48
CA ARG A 291 -0.18 -32.37 -17.84
C ARG A 291 1.34 -32.57 -17.93
N PHE A 292 2.08 -31.92 -17.03
CA PHE A 292 3.53 -32.09 -16.99
C PHE A 292 3.92 -33.56 -16.81
N LYS A 293 3.15 -34.31 -16.03
CA LYS A 293 3.52 -35.71 -15.83
C LYS A 293 3.26 -36.51 -17.10
N ARG A 294 2.12 -36.26 -17.77
CA ARG A 294 1.87 -36.90 -19.05
C ARG A 294 2.97 -36.56 -20.05
N TRP A 295 3.40 -35.29 -20.04
CA TRP A 295 4.46 -34.83 -20.94
C TRP A 295 5.75 -35.61 -20.74
N LYS A 296 6.27 -35.65 -19.51
CA LYS A 296 7.48 -36.41 -19.25
C LYS A 296 7.30 -37.86 -19.63
N ALA A 297 6.20 -38.48 -19.19
CA ALA A 297 6.01 -39.90 -19.45
C ALA A 297 5.91 -40.21 -20.94
N GLU A 298 5.55 -39.23 -21.76
CA GLU A 298 5.47 -39.41 -23.20
C GLU A 298 6.81 -39.14 -23.89
N GLY A 299 7.88 -38.92 -23.13
CA GLY A 299 9.21 -38.85 -23.70
C GLY A 299 9.69 -37.49 -24.15
N HIS A 300 8.95 -36.42 -23.85
CA HIS A 300 9.36 -35.09 -24.27
C HIS A 300 10.27 -34.43 -23.23
N SER A 301 11.08 -33.49 -23.71
CA SER A 301 12.14 -32.89 -22.90
C SER A 301 12.46 -31.46 -23.35
N ILE B 18 6.06 49.01 -2.58
CA ILE B 18 5.81 48.93 -4.01
C ILE B 18 4.56 48.11 -4.28
N ALA B 19 4.70 46.78 -4.24
CA ALA B 19 3.56 45.87 -4.37
C ALA B 19 2.94 45.66 -2.99
N ASP B 20 2.29 46.71 -2.51
CA ASP B 20 1.73 46.75 -1.16
C ASP B 20 0.44 45.93 -1.10
N PRO B 21 0.37 44.87 -0.28
CA PRO B 21 -0.89 44.09 -0.22
C PRO B 21 -2.04 44.87 0.41
N GLU B 22 -1.78 45.93 1.17
CA GLU B 22 -2.88 46.78 1.62
C GLU B 22 -3.47 47.60 0.48
N GLU B 23 -2.71 47.80 -0.60
CA GLU B 23 -3.26 48.39 -1.82
C GLU B 23 -3.88 47.35 -2.74
N LEU B 24 -3.28 46.14 -2.80
CA LEU B 24 -3.76 45.14 -3.74
C LEU B 24 -5.00 44.41 -3.26
N PHE B 25 -5.28 44.43 -1.96
CA PHE B 25 -6.35 43.61 -1.39
C PHE B 25 -7.13 44.39 -0.36
N THR B 26 -8.43 44.16 -0.35
CA THR B 26 -9.33 44.70 0.67
C THR B 26 -9.79 43.56 1.57
N LYS B 27 -9.56 43.69 2.87
CA LYS B 27 -10.15 42.76 3.81
C LYS B 27 -11.60 43.14 4.01
N LEU B 28 -12.48 42.13 3.96
CA LEU B 28 -13.92 42.32 4.05
C LEU B 28 -14.52 41.87 5.36
N GLU B 29 -14.13 40.70 5.84
CA GLU B 29 -14.76 40.09 7.00
C GLU B 29 -13.77 39.16 7.66
N ARG B 30 -13.56 39.37 8.96
CA ARG B 30 -12.70 38.47 9.70
C ARG B 30 -13.41 37.13 9.89
N ILE B 31 -12.72 36.04 9.57
CA ILE B 31 -13.31 34.71 9.71
C ILE B 31 -12.57 33.83 10.71
N GLY B 32 -11.42 34.27 11.23
CA GLY B 32 -10.75 33.56 12.29
C GLY B 32 -9.63 34.35 12.92
N LYS B 33 -9.33 34.08 14.19
CA LYS B 33 -8.22 34.75 14.87
C LYS B 33 -7.54 33.79 15.84
N PHE B 36 -2.62 31.09 15.21
CA PHE B 36 -1.42 31.57 14.53
C PHE B 36 -1.77 32.53 13.40
N GLY B 37 -2.19 33.74 13.75
CA GLY B 37 -2.48 34.77 12.79
C GLY B 37 -3.96 35.12 12.74
N GLU B 38 -4.34 35.80 11.66
CA GLU B 38 -5.72 36.20 11.43
C GLU B 38 -6.09 35.94 9.97
N VAL B 39 -7.34 35.55 9.75
CA VAL B 39 -7.81 35.17 8.42
C VAL B 39 -9.05 35.99 8.10
N PHE B 40 -9.09 36.53 6.89
CA PHE B 40 -10.18 37.34 6.40
C PHE B 40 -10.68 36.81 5.08
N LYS B 41 -11.99 36.95 4.88
CA LYS B 41 -12.54 37.04 3.54
C LYS B 41 -12.17 38.39 2.96
N GLY B 42 -11.57 38.38 1.77
CA GLY B 42 -11.13 39.60 1.12
C GLY B 42 -11.38 39.60 -0.37
N ILE B 43 -10.77 40.55 -1.07
CA ILE B 43 -11.04 40.73 -2.49
C ILE B 43 -9.80 41.29 -3.18
N ASP B 44 -9.45 40.69 -4.31
CA ASP B 44 -8.38 41.17 -5.17
C ASP B 44 -8.90 42.39 -5.92
N ASN B 45 -8.34 43.57 -5.63
CA ASN B 45 -8.85 44.81 -6.21
C ASN B 45 -8.68 44.82 -7.72
N ARG B 46 -7.57 44.31 -8.23
CA ARG B 46 -7.35 44.30 -9.68
C ARG B 46 -8.40 43.43 -10.37
N THR B 47 -8.71 42.25 -9.82
CA THR B 47 -9.53 41.28 -10.52
C THR B 47 -10.96 41.14 -9.98
N GLN B 48 -11.25 41.68 -8.79
CA GLN B 48 -12.54 41.57 -8.10
C GLN B 48 -12.81 40.18 -7.54
N GLN B 49 -11.84 39.29 -7.56
CA GLN B 49 -12.07 37.94 -7.08
C GLN B 49 -12.03 37.90 -5.57
N VAL B 50 -13.02 37.24 -4.97
CA VAL B 50 -13.07 37.05 -3.53
C VAL B 50 -12.05 35.98 -3.15
N VAL B 51 -11.22 36.28 -2.15
CA VAL B 51 -10.16 35.38 -1.69
C VAL B 51 -10.19 35.27 -0.16
N ALA B 52 -9.45 34.28 0.33
CA ALA B 52 -9.09 34.16 1.74
C ALA B 52 -7.70 34.72 1.96
N ILE B 53 -7.52 35.44 3.05
CA ILE B 53 -6.29 36.18 3.35
C ILE B 53 -5.89 35.84 4.78
N LYS B 54 -4.74 35.18 4.95
CA LYS B 54 -4.17 35.01 6.28
C LYS B 54 -3.03 36.01 6.44
N ILE B 55 -3.03 36.72 7.55
CA ILE B 55 -1.95 37.66 7.87
C ILE B 55 -1.24 37.13 9.10
N ILE B 56 0.03 36.78 8.93
CA ILE B 56 0.90 36.33 10.02
C ILE B 56 1.89 37.44 10.34
N ASP B 57 2.05 37.72 11.63
CA ASP B 57 3.05 38.68 12.10
C ASP B 57 4.30 37.88 12.48
N LEU B 58 5.34 37.99 11.65
CA LEU B 58 6.56 37.21 11.85
C LEU B 58 7.38 37.70 13.05
N GLU B 59 7.08 38.87 13.59
CA GLU B 59 7.77 39.32 14.79
C GLU B 59 7.23 38.60 16.03
N GLU B 60 5.93 38.30 16.04
CA GLU B 60 5.27 37.75 17.22
C GLU B 60 5.09 36.25 17.19
N ALA B 61 5.44 35.58 16.07
CA ALA B 61 5.37 34.13 15.96
C ALA B 61 6.69 33.62 15.40
N GLU B 62 7.45 32.90 16.21
CA GLU B 62 8.82 32.51 15.86
C GLU B 62 8.93 31.03 15.53
N ASP B 63 8.76 30.15 16.53
CA ASP B 63 9.04 28.72 16.33
C ASP B 63 8.23 28.10 15.20
N GLU B 64 7.06 28.64 14.87
CA GLU B 64 6.26 28.14 13.77
C GLU B 64 6.74 28.63 12.40
N ILE B 65 7.78 29.48 12.35
CA ILE B 65 8.15 30.11 11.10
C ILE B 65 8.76 29.13 10.10
N GLU B 66 9.25 27.97 10.56
CA GLU B 66 9.69 26.92 9.64
C GLU B 66 8.53 26.15 9.04
N ASP B 67 7.45 25.98 9.80
CA ASP B 67 6.28 25.28 9.31
C ASP B 67 5.47 26.13 8.33
N ILE B 68 5.49 27.45 8.51
CA ILE B 68 4.83 28.32 7.53
C ILE B 68 5.51 28.14 6.17
N GLN B 69 6.84 28.16 6.16
CA GLN B 69 7.61 28.00 4.94
C GLN B 69 7.27 26.70 4.23
N GLN B 70 7.20 25.59 4.99
CA GLN B 70 6.97 24.29 4.39
C GLN B 70 5.53 24.14 3.88
N GLU B 71 4.56 24.69 4.61
CA GLU B 71 3.17 24.56 4.16
C GLU B 71 2.92 25.33 2.86
N ILE B 72 3.59 26.46 2.68
CA ILE B 72 3.48 27.22 1.44
C ILE B 72 4.01 26.41 0.27
N THR B 73 5.24 25.87 0.41
CA THR B 73 5.79 25.03 -0.64
C THR B 73 4.82 23.93 -1.05
N VAL B 74 4.25 23.22 -0.07
CA VAL B 74 3.37 22.09 -0.38
C VAL B 74 2.14 22.54 -1.18
N LEU B 75 1.53 23.66 -0.78
CA LEU B 75 0.30 24.10 -1.45
C LEU B 75 0.59 24.61 -2.86
N SER B 76 1.72 25.30 -3.06
CA SER B 76 2.14 25.70 -4.40
C SER B 76 2.25 24.51 -5.35
N GLN B 77 2.59 23.33 -4.82
CA GLN B 77 2.78 22.13 -5.64
C GLN B 77 1.48 21.39 -5.93
N CYS B 78 0.39 21.75 -5.26
CA CYS B 78 -0.92 21.16 -5.48
C CYS B 78 -1.67 21.94 -6.55
N ASP B 79 -2.39 21.20 -7.39
CA ASP B 79 -3.21 21.82 -8.44
C ASP B 79 -4.38 20.86 -8.70
N SER B 80 -5.38 20.95 -7.83
CA SER B 80 -6.56 20.11 -7.89
C SER B 80 -7.75 20.92 -7.40
N SER B 81 -8.93 20.57 -7.90
CA SER B 81 -10.17 21.15 -7.39
C SER B 81 -10.56 20.60 -6.02
N TYR B 82 -9.83 19.65 -5.46
CA TYR B 82 -10.11 19.13 -4.12
C TYR B 82 -9.17 19.67 -3.05
N VAL B 83 -8.18 20.50 -3.43
CA VAL B 83 -7.29 21.15 -2.48
C VAL B 83 -7.50 22.66 -2.58
N THR B 84 -7.69 23.32 -1.44
CA THR B 84 -7.83 24.77 -1.42
C THR B 84 -6.66 25.43 -2.16
N LYS B 85 -6.98 26.18 -3.23
CA LYS B 85 -5.93 26.67 -4.12
C LYS B 85 -5.12 27.80 -3.48
N TYR B 86 -3.82 27.82 -3.79
CA TYR B 86 -2.87 28.78 -3.25
C TYR B 86 -2.50 29.78 -4.35
N TYR B 87 -2.51 31.07 -4.00
CA TYR B 87 -2.29 32.14 -4.97
C TYR B 87 -0.98 32.89 -4.80
N GLY B 88 -0.52 33.09 -3.57
CA GLY B 88 0.78 33.70 -3.37
C GLY B 88 0.91 34.32 -2.00
N SER B 89 2.01 35.04 -1.83
CA SER B 89 2.40 35.58 -0.55
C SER B 89 2.98 36.98 -0.74
N TYR B 90 2.82 37.83 0.28
CA TYR B 90 3.25 39.21 0.23
C TYR B 90 3.72 39.62 1.62
N LEU B 91 4.69 40.52 1.68
CA LEU B 91 5.19 41.03 2.96
C LEU B 91 5.01 42.54 3.04
N LYS B 92 4.50 43.01 4.17
CA LYS B 92 4.33 44.42 4.48
C LYS B 92 4.91 44.64 5.88
N GLY B 93 6.17 45.02 5.95
CA GLY B 93 6.83 45.21 7.22
C GLY B 93 7.11 43.88 7.89
N SER B 94 6.50 43.65 9.04
CA SER B 94 6.65 42.42 9.80
C SER B 94 5.59 41.38 9.44
N LYS B 95 4.59 41.76 8.65
CA LYS B 95 3.40 40.94 8.44
C LYS B 95 3.45 40.23 7.10
N LEU B 96 3.15 38.93 7.13
CA LEU B 96 3.09 38.07 5.96
C LEU B 96 1.63 37.86 5.57
N TRP B 97 1.31 38.16 4.32
CA TRP B 97 -0.05 38.01 3.80
C TRP B 97 -0.08 36.84 2.84
N ILE B 98 -0.85 35.81 3.19
CA ILE B 98 -0.95 34.59 2.40
C ILE B 98 -2.34 34.56 1.79
N ILE B 99 -2.42 34.32 0.48
CA ILE B 99 -3.64 34.51 -0.30
C ILE B 99 -4.09 33.17 -0.85
N MET B 100 -5.33 32.79 -0.52
CA MET B 100 -5.91 31.51 -0.88
C MET B 100 -7.31 31.69 -1.45
N GLU B 101 -7.78 30.64 -2.12
CA GLU B 101 -9.15 30.57 -2.60
C GLU B 101 -10.14 30.64 -1.44
N TYR B 102 -11.27 31.33 -1.67
CA TYR B 102 -12.27 31.52 -0.63
C TYR B 102 -13.41 30.50 -0.78
N LEU B 103 -13.82 29.89 0.34
CA LEU B 103 -14.86 28.87 0.34
C LEU B 103 -15.96 29.29 1.31
N GLY B 104 -17.13 29.63 0.76
CA GLY B 104 -18.16 30.32 1.53
C GLY B 104 -19.20 29.44 2.17
N GLY B 105 -19.07 28.12 2.08
CA GLY B 105 -20.00 27.23 2.74
C GLY B 105 -19.62 26.86 4.17
N GLY B 106 -18.43 27.22 4.61
CA GLY B 106 -17.99 26.83 5.93
C GLY B 106 -17.37 25.45 5.92
N SER B 107 -16.86 25.06 7.08
CA SER B 107 -16.24 23.75 7.22
C SER B 107 -17.27 22.71 7.59
N ALA B 108 -16.90 21.43 7.42
CA ALA B 108 -17.77 20.34 7.84
C ALA B 108 -18.08 20.45 9.33
N LEU B 109 -17.09 20.86 10.13
CA LEU B 109 -17.35 21.11 11.55
C LEU B 109 -18.39 22.21 11.74
N ASP B 110 -18.26 23.32 11.01
CA ASP B 110 -19.30 24.36 11.08
C ASP B 110 -20.67 23.77 10.79
N LEU B 111 -20.77 22.98 9.72
CA LEU B 111 -22.09 22.52 9.30
C LEU B 111 -22.72 21.61 10.35
N LEU B 112 -21.89 20.88 11.11
CA LEU B 112 -22.38 20.04 12.21
C LEU B 112 -22.99 20.85 13.34
N ARG B 113 -22.59 22.12 13.51
CA ARG B 113 -23.13 22.88 14.64
C ARG B 113 -24.65 23.00 14.56
N ALA B 114 -25.23 22.82 13.38
CA ALA B 114 -26.64 23.07 13.17
C ALA B 114 -27.47 21.81 13.20
N GLY B 115 -26.89 20.68 13.66
CA GLY B 115 -27.56 19.41 13.68
C GLY B 115 -26.75 18.29 13.05
N PRO B 116 -27.27 17.06 13.09
CA PRO B 116 -26.50 15.90 12.60
C PRO B 116 -26.58 15.77 11.08
N PHE B 117 -25.68 14.93 10.54
CA PHE B 117 -25.77 14.51 9.14
C PHE B 117 -26.48 13.17 9.08
N ASP B 118 -27.17 12.91 7.96
CA ASP B 118 -27.61 11.54 7.72
C ASP B 118 -26.55 10.80 6.89
N GLU B 119 -26.78 9.51 6.67
CA GLU B 119 -25.77 8.71 5.98
C GLU B 119 -25.59 9.16 4.54
N PHE B 120 -26.67 9.61 3.88
CA PHE B 120 -26.55 10.10 2.51
C PHE B 120 -25.59 11.28 2.44
N GLN B 121 -25.74 12.22 3.38
CA GLN B 121 -24.87 13.40 3.38
C GLN B 121 -23.44 13.04 3.77
N ILE B 122 -23.28 12.15 4.77
CA ILE B 122 -21.94 11.73 5.18
C ILE B 122 -21.23 11.01 4.04
N ALA B 123 -21.93 10.12 3.36
CA ALA B 123 -21.36 9.41 2.23
C ALA B 123 -20.93 10.37 1.13
N THR B 124 -21.81 11.30 0.78
CA THR B 124 -21.50 12.27 -0.26
C THR B 124 -20.23 13.04 0.10
N MET B 125 -20.05 13.36 1.38
CA MET B 125 -18.93 14.20 1.77
C MET B 125 -17.63 13.40 1.82
N LEU B 126 -17.68 12.23 2.45
CA LEU B 126 -16.51 11.37 2.48
C LEU B 126 -16.05 11.04 1.06
N LYS B 127 -17.00 10.82 0.14
CA LYS B 127 -16.61 10.54 -1.24
C LYS B 127 -15.74 11.67 -1.78
N GLU B 128 -16.15 12.91 -1.51
CA GLU B 128 -15.38 14.05 -1.97
C GLU B 128 -14.03 14.13 -1.26
N ILE B 129 -14.00 13.79 0.02
CA ILE B 129 -12.75 13.80 0.76
C ILE B 129 -11.79 12.76 0.21
N LEU B 130 -12.30 11.56 -0.11
CA LEU B 130 -11.50 10.49 -0.70
C LEU B 130 -10.86 10.92 -2.02
N LYS B 131 -11.55 11.77 -2.77
CA LYS B 131 -11.01 12.25 -4.03
C LYS B 131 -9.79 13.15 -3.79
N GLY B 132 -9.89 14.04 -2.80
CA GLY B 132 -8.73 14.83 -2.43
C GLY B 132 -7.58 13.98 -1.94
N LEU B 133 -7.88 12.99 -1.08
CA LEU B 133 -6.84 12.08 -0.60
C LEU B 133 -6.20 11.31 -1.76
N ASP B 134 -7.03 10.78 -2.67
CA ASP B 134 -6.50 10.11 -3.86
C ASP B 134 -5.55 11.01 -4.61
N TYR B 135 -5.96 12.28 -4.79
CA TYR B 135 -5.13 13.22 -5.51
C TYR B 135 -3.79 13.40 -4.79
N LEU B 136 -3.84 13.72 -3.50
CA LEU B 136 -2.61 13.95 -2.73
C LEU B 136 -1.69 12.74 -2.77
N HIS B 137 -2.22 11.54 -2.50
CA HIS B 137 -1.41 10.32 -2.45
C HIS B 137 -0.84 9.97 -3.83
N SER B 138 -1.55 10.31 -4.91
CA SER B 138 -1.00 10.15 -6.26
C SER B 138 0.21 11.05 -6.49
N GLU B 139 0.32 12.18 -5.77
CA GLU B 139 1.45 13.10 -5.83
C GLU B 139 2.47 12.83 -4.74
N LYS B 140 2.37 11.68 -4.06
CA LYS B 140 3.23 11.30 -2.94
C LYS B 140 3.25 12.36 -1.84
N LYS B 141 2.11 13.00 -1.59
CA LYS B 141 1.94 13.91 -0.47
C LYS B 141 1.00 13.29 0.55
N ILE B 142 1.12 13.70 1.80
CA ILE B 142 0.24 13.22 2.86
C ILE B 142 -0.38 14.44 3.54
N HIS B 143 -1.70 14.44 3.69
CA HIS B 143 -2.37 15.61 4.26
C HIS B 143 -1.96 15.84 5.71
N ARG B 144 -2.11 14.80 6.54
CA ARG B 144 -1.63 14.62 7.92
C ARG B 144 -2.58 15.17 8.97
N ASP B 145 -3.62 15.90 8.60
CA ASP B 145 -4.52 16.47 9.61
C ASP B 145 -5.96 16.42 9.11
N ILE B 146 -6.39 15.24 8.69
CA ILE B 146 -7.76 15.12 8.21
C ILE B 146 -8.72 15.09 9.39
N LYS B 147 -9.73 15.97 9.34
CA LYS B 147 -10.72 16.17 10.40
C LYS B 147 -11.78 17.10 9.84
N ALA B 148 -12.97 17.07 10.47
CA ALA B 148 -14.08 17.84 9.90
C ALA B 148 -13.78 19.33 9.89
N ALA B 149 -12.97 19.82 10.83
CA ALA B 149 -12.63 21.25 10.84
C ALA B 149 -11.80 21.65 9.63
N ASN B 150 -11.06 20.71 9.02
CA ASN B 150 -10.18 21.02 7.90
C ASN B 150 -10.79 20.65 6.56
N VAL B 151 -12.07 20.35 6.53
CA VAL B 151 -12.80 20.11 5.29
C VAL B 151 -13.67 21.33 5.03
N LEU B 152 -13.32 22.11 4.01
CA LEU B 152 -14.03 23.35 3.64
C LEU B 152 -14.89 23.14 2.39
N LEU B 153 -16.08 23.73 2.41
CA LEU B 153 -17.00 23.68 1.28
C LEU B 153 -17.15 25.06 0.66
N SER B 154 -17.30 25.09 -0.67
CA SER B 154 -17.75 26.33 -1.29
C SER B 154 -19.24 26.47 -1.06
N GLU B 155 -19.77 27.67 -1.29
CA GLU B 155 -21.18 27.89 -0.99
C GLU B 155 -22.07 27.03 -1.88
N GLN B 156 -21.58 26.67 -3.07
CA GLN B 156 -22.32 25.78 -3.95
C GLN B 156 -22.03 24.29 -3.67
N GLY B 157 -21.23 23.98 -2.65
CA GLY B 157 -21.12 22.62 -2.15
C GLY B 157 -19.96 21.76 -2.67
N ASP B 158 -18.97 22.35 -3.33
CA ASP B 158 -17.70 21.65 -3.55
C ASP B 158 -17.03 21.37 -2.20
N VAL B 159 -16.29 20.27 -2.12
CA VAL B 159 -15.59 19.87 -0.89
C VAL B 159 -14.09 19.86 -1.16
N LYS B 160 -13.34 20.51 -0.29
CA LYS B 160 -11.91 20.71 -0.49
C LYS B 160 -11.17 20.62 0.84
N LEU B 161 -9.90 20.18 0.76
CA LEU B 161 -9.07 20.04 1.95
C LEU B 161 -8.24 21.29 2.21
N ALA B 162 -7.90 21.49 3.49
CA ALA B 162 -7.17 22.68 3.92
C ALA B 162 -6.40 22.34 5.20
N ASP B 163 -5.50 23.25 5.58
CA ASP B 163 -4.71 23.11 6.80
C ASP B 163 -4.00 21.76 6.88
N PHE B 164 -3.00 21.62 6.01
CA PHE B 164 -2.20 20.40 5.99
C PHE B 164 -1.40 20.26 7.28
N GLY B 165 -1.16 19.02 7.68
CA GLY B 165 -0.34 18.78 8.85
C GLY B 165 1.11 19.11 8.62
N VAL B 166 1.80 19.47 9.70
CA VAL B 166 3.23 19.72 9.63
C VAL B 166 3.98 18.40 9.56
N ALA B 167 5.03 18.35 8.75
CA ALA B 167 5.82 17.13 8.60
C ALA B 167 7.13 17.19 9.37
N VAL B 181 1.30 15.50 19.90
CA VAL B 181 0.48 16.12 20.93
C VAL B 181 -0.32 17.27 20.34
N GLY B 182 -0.96 18.05 21.21
CA GLY B 182 -1.81 19.14 20.77
C GLY B 182 -3.27 18.73 20.70
N THR B 183 -3.70 18.25 19.55
CA THR B 183 -4.97 17.54 19.40
C THR B 183 -4.69 16.22 18.69
N PRO B 184 -4.53 15.13 19.44
CA PRO B 184 -4.23 13.82 18.82
C PRO B 184 -5.43 12.92 18.56
N PHE B 185 -6.66 13.42 18.68
CA PHE B 185 -7.84 12.56 18.60
C PHE B 185 -8.00 11.90 17.22
N TRP B 186 -7.50 12.53 16.16
CA TRP B 186 -7.62 11.97 14.81
C TRP B 186 -6.36 11.22 14.37
N MET B 187 -5.32 11.17 15.20
CA MET B 187 -4.02 10.65 14.80
C MET B 187 -4.00 9.14 14.73
N ALA B 188 -3.34 8.59 13.70
CA ALA B 188 -3.17 7.15 13.59
C ALA B 188 -2.19 6.65 14.66
N PRO B 189 -2.33 5.39 15.11
CA PRO B 189 -1.41 4.87 16.13
C PRO B 189 0.06 4.90 15.71
N GLU B 190 0.38 4.48 14.48
CA GLU B 190 1.77 4.52 14.07
C GLU B 190 2.32 5.95 14.08
N VAL B 191 1.44 6.95 13.88
CA VAL B 191 1.90 8.35 13.87
C VAL B 191 2.28 8.80 15.27
N ILE B 192 1.42 8.48 16.26
CA ILE B 192 1.72 8.81 17.65
C ILE B 192 3.00 8.12 18.11
N GLN B 193 3.27 6.93 17.60
CA GLN B 193 4.49 6.23 17.91
C GLN B 193 5.64 6.65 16.99
N GLN B 194 5.45 7.75 16.25
CA GLN B 194 6.46 8.38 15.39
C GLN B 194 7.28 7.35 14.60
N SER B 195 6.62 6.32 14.10
CA SER B 195 7.28 5.31 13.30
C SER B 195 7.11 5.58 11.80
N TYR B 197 5.73 6.47 8.93
CA TYR B 197 4.38 6.25 8.42
C TYR B 197 4.23 6.75 6.98
N ASP B 198 3.05 6.51 6.41
CA ASP B 198 2.81 6.77 5.00
C ASP B 198 1.39 7.32 4.85
N SER B 199 0.87 7.27 3.62
CA SER B 199 -0.45 7.83 3.35
C SER B 199 -1.56 7.10 4.09
N LYS B 200 -1.32 5.84 4.53
CA LYS B 200 -2.31 5.11 5.30
C LYS B 200 -2.70 5.83 6.60
N ALA B 201 -1.88 6.78 7.06
CA ALA B 201 -2.26 7.58 8.21
C ALA B 201 -3.50 8.42 7.88
N ASP B 202 -3.58 8.92 6.64
CA ASP B 202 -4.74 9.70 6.22
C ASP B 202 -5.99 8.83 6.22
N ILE B 203 -5.86 7.55 5.85
CA ILE B 203 -7.04 6.68 5.82
C ILE B 203 -7.56 6.47 7.24
N TRP B 204 -6.66 6.29 8.19
CA TRP B 204 -7.07 6.23 9.60
C TRP B 204 -7.82 7.50 10.00
N SER B 205 -7.21 8.66 9.73
CA SER B 205 -7.83 9.94 10.10
C SER B 205 -9.19 10.10 9.45
N LEU B 206 -9.33 9.62 8.21
CA LEU B 206 -10.62 9.60 7.53
C LEU B 206 -11.65 8.79 8.31
N GLY B 207 -11.25 7.61 8.80
CA GLY B 207 -12.17 6.81 9.59
C GLY B 207 -12.63 7.51 10.86
N ILE B 208 -11.69 8.17 11.56
CA ILE B 208 -12.08 8.99 12.72
C ILE B 208 -13.03 10.11 12.30
N THR B 209 -12.75 10.74 11.16
CA THR B 209 -13.59 11.84 10.69
C THR B 209 -15.00 11.34 10.38
N ALA B 210 -15.10 10.13 9.83
CA ALA B 210 -16.41 9.52 9.59
C ALA B 210 -17.20 9.35 10.87
N ILE B 211 -16.56 8.90 11.96
CA ILE B 211 -17.24 8.87 13.24
C ILE B 211 -17.63 10.28 13.68
N GLU B 212 -16.75 11.25 13.46
CA GLU B 212 -17.03 12.63 13.79
C GLU B 212 -18.27 13.13 13.06
N LEU B 213 -18.40 12.80 11.78
CA LEU B 213 -19.56 13.26 11.03
C LEU B 213 -20.85 12.58 11.47
N ALA B 214 -20.77 11.39 12.05
CA ALA B 214 -21.95 10.68 12.49
C ALA B 214 -22.36 11.02 13.92
N LYS B 215 -21.41 11.40 14.77
CA LYS B 215 -21.66 11.60 16.18
C LYS B 215 -21.31 13.00 16.66
N GLY B 216 -20.73 13.84 15.81
CA GLY B 216 -20.44 15.21 16.17
C GLY B 216 -19.05 15.45 16.70
N GLU B 217 -18.30 14.40 17.05
CA GLU B 217 -16.98 14.58 17.63
C GLU B 217 -16.26 13.22 17.58
N PRO B 218 -14.93 13.23 17.74
CA PRO B 218 -14.16 11.99 17.58
C PRO B 218 -14.17 11.16 18.86
N PRO B 219 -13.79 9.88 18.78
CA PRO B 219 -13.62 9.05 20.00
C PRO B 219 -12.75 9.73 21.05
N ASN B 220 -13.05 9.42 22.32
CA ASN B 220 -12.26 9.88 23.47
C ASN B 220 -12.28 11.39 23.59
N SER B 221 -13.35 12.03 23.10
CA SER B 221 -13.40 13.49 23.06
C SER B 221 -13.32 14.08 24.46
N ASP B 222 -13.75 13.33 25.48
CA ASP B 222 -13.76 13.82 26.85
C ASP B 222 -12.59 13.28 27.68
N MET B 223 -11.47 12.95 27.04
CA MET B 223 -10.25 12.58 27.75
C MET B 223 -9.18 13.63 27.51
N HIS B 224 -8.29 13.79 28.50
CA HIS B 224 -7.20 14.75 28.34
C HIS B 224 -6.29 14.28 27.19
N PRO B 225 -5.91 15.17 26.29
CA PRO B 225 -5.15 14.75 25.08
C PRO B 225 -3.88 13.97 25.36
N MET B 226 -3.14 14.28 26.43
CA MET B 226 -1.92 13.55 26.69
C MET B 226 -2.20 12.12 27.17
N ARG B 227 -3.42 11.84 27.65
CA ARG B 227 -3.79 10.45 27.91
C ARG B 227 -4.22 9.75 26.61
N VAL B 228 -5.06 10.42 25.82
CA VAL B 228 -5.40 9.95 24.46
C VAL B 228 -4.14 9.52 23.71
N LEU B 229 -3.03 10.19 23.96
CA LEU B 229 -1.77 9.89 23.28
C LEU B 229 -1.39 8.43 23.45
N PHE B 230 -1.47 7.89 24.67
CA PHE B 230 -1.15 6.49 24.85
C PHE B 230 -2.36 5.58 24.72
N LEU B 231 -3.59 6.10 24.79
CA LEU B 231 -4.76 5.23 24.64
C LEU B 231 -4.94 4.78 23.19
N ILE B 232 -4.57 5.61 22.22
CA ILE B 232 -4.78 5.27 20.81
C ILE B 232 -3.99 4.02 20.41
N PRO B 233 -2.70 3.89 20.74
CA PRO B 233 -2.01 2.62 20.44
C PRO B 233 -2.42 1.47 21.34
N LYS B 234 -2.76 1.72 22.61
CA LYS B 234 -3.09 0.63 23.53
C LYS B 234 -4.46 0.04 23.22
N ASN B 235 -5.47 0.89 23.04
CA ASN B 235 -6.83 0.39 22.92
C ASN B 235 -7.06 -0.25 21.55
N ASN B 236 -8.04 -1.18 21.52
CA ASN B 236 -8.58 -1.65 20.26
C ASN B 236 -9.12 -0.45 19.45
N PRO B 237 -9.29 -0.60 18.14
CA PRO B 237 -9.71 0.55 17.33
C PRO B 237 -11.10 1.00 17.69
N PRO B 238 -11.39 2.30 17.58
CA PRO B 238 -12.76 2.79 17.74
C PRO B 238 -13.71 2.10 16.77
N THR B 239 -14.99 2.06 17.14
CA THR B 239 -16.02 1.51 16.26
C THR B 239 -17.25 2.42 16.30
N LEU B 240 -18.06 2.34 15.25
CA LEU B 240 -19.31 3.11 15.18
C LEU B 240 -20.43 2.24 15.73
N VAL B 241 -20.89 2.55 16.94
CA VAL B 241 -22.00 1.86 17.58
C VAL B 241 -23.28 2.64 17.34
N GLY B 242 -24.35 1.94 16.98
CA GLY B 242 -25.67 2.51 17.07
C GLY B 242 -26.51 2.11 15.88
N ASP B 243 -27.58 2.88 15.69
CA ASP B 243 -28.52 2.68 14.58
C ASP B 243 -27.93 3.29 13.32
N PHE B 244 -26.93 2.60 12.76
CA PHE B 244 -26.32 2.94 11.47
C PHE B 244 -26.31 1.71 10.58
N THR B 245 -26.30 1.92 9.26
CA THR B 245 -26.30 0.75 8.37
C THR B 245 -25.06 -0.11 8.58
N LYS B 246 -25.19 -1.42 8.35
CA LYS B 246 -24.02 -2.30 8.38
C LYS B 246 -22.91 -1.78 7.47
N SER B 247 -23.26 -1.35 6.26
CA SER B 247 -22.24 -0.88 5.31
C SER B 247 -21.46 0.29 5.88
N PHE B 248 -22.14 1.23 6.55
CA PHE B 248 -21.44 2.35 7.16
C PHE B 248 -20.47 1.86 8.22
N LYS B 249 -20.92 0.94 9.08
CA LYS B 249 -20.04 0.47 10.15
C LYS B 249 -18.82 -0.24 9.57
N GLU B 250 -19.00 -0.98 8.48
CA GLU B 250 -17.89 -1.70 7.87
C GLU B 250 -16.91 -0.75 7.19
N PHE B 251 -17.40 0.36 6.64
CA PHE B 251 -16.48 1.35 6.06
C PHE B 251 -15.51 1.85 7.12
N ILE B 252 -16.04 2.17 8.30
CA ILE B 252 -15.21 2.71 9.37
C ILE B 252 -14.25 1.66 9.89
N ASP B 253 -14.72 0.43 10.08
CA ASP B 253 -13.83 -0.65 10.54
C ASP B 253 -12.65 -0.87 9.61
N ALA B 254 -12.82 -0.65 8.30
CA ALA B 254 -11.68 -0.83 7.39
C ALA B 254 -10.67 0.29 7.54
N CYS B 255 -11.14 1.53 7.70
CA CYS B 255 -10.23 2.66 7.87
C CYS B 255 -9.45 2.58 9.16
N LEU B 256 -10.04 2.00 10.21
CA LEU B 256 -9.45 2.02 11.54
C LEU B 256 -8.72 0.73 11.90
N ASN B 257 -8.16 0.01 10.94
CA ASN B 257 -7.32 -1.10 11.34
C ASN B 257 -6.06 -0.55 12.00
N LYS B 258 -5.70 -1.13 13.16
CA LYS B 258 -4.51 -0.70 13.89
C LYS B 258 -3.24 -0.86 13.05
N ASP B 259 -3.17 -1.90 12.21
CA ASP B 259 -2.03 -2.07 11.31
C ASP B 259 -2.35 -1.38 10.00
N PRO B 260 -1.54 -0.40 9.57
CA PRO B 260 -1.85 0.32 8.32
C PRO B 260 -1.84 -0.54 7.08
N SER B 261 -1.12 -1.67 7.06
CA SER B 261 -1.11 -2.48 5.85
C SER B 261 -2.48 -3.07 5.57
N PHE B 262 -3.32 -3.19 6.59
CA PHE B 262 -4.68 -3.67 6.39
C PHE B 262 -5.64 -2.58 5.91
N ARG B 263 -5.29 -1.30 6.06
CA ARG B 263 -6.21 -0.24 5.66
C ARG B 263 -6.27 -0.13 4.14
N PRO B 264 -7.45 0.09 3.56
CA PRO B 264 -7.53 0.20 2.11
C PRO B 264 -7.01 1.56 1.65
N THR B 265 -6.53 1.60 0.41
CA THR B 265 -6.13 2.89 -0.15
C THR B 265 -7.36 3.76 -0.41
N ALA B 266 -7.12 5.01 -0.78
CA ALA B 266 -8.23 5.93 -1.05
C ALA B 266 -9.05 5.47 -2.26
N LYS B 267 -8.37 4.95 -3.29
CA LYS B 267 -9.09 4.51 -4.47
C LYS B 267 -9.93 3.26 -4.20
N GLU B 268 -9.51 2.39 -3.27
CA GLU B 268 -10.38 1.25 -2.94
C GLU B 268 -11.61 1.74 -2.20
N LEU B 269 -11.42 2.66 -1.27
CA LEU B 269 -12.55 3.11 -0.47
C LEU B 269 -13.59 3.82 -1.31
N LEU B 270 -13.19 4.38 -2.45
CA LEU B 270 -14.15 5.00 -3.35
C LEU B 270 -15.07 3.98 -4.00
N LYS B 271 -14.69 2.69 -4.00
CA LYS B 271 -15.56 1.62 -4.47
C LYS B 271 -16.27 0.89 -3.34
N HIS B 272 -16.09 1.33 -2.10
CA HIS B 272 -16.74 0.64 -0.98
C HIS B 272 -18.26 0.77 -1.08
N LYS B 273 -18.96 -0.31 -0.69
CA LYS B 273 -20.42 -0.37 -0.84
C LYS B 273 -21.12 0.80 -0.15
N PHE B 274 -20.57 1.25 0.97
CA PHE B 274 -21.20 2.35 1.69
C PHE B 274 -21.20 3.61 0.82
N ILE B 275 -20.04 3.92 0.24
CA ILE B 275 -19.93 5.09 -0.64
C ILE B 275 -20.81 4.91 -1.87
N VAL B 276 -20.79 3.72 -2.46
CA VAL B 276 -21.50 3.52 -3.72
C VAL B 276 -23.02 3.58 -3.50
N LYS B 277 -23.51 2.99 -2.41
CA LYS B 277 -24.95 2.93 -2.23
C LYS B 277 -25.54 4.24 -1.72
N ASN B 278 -24.77 5.05 -0.98
CA ASN B 278 -25.32 6.20 -0.28
C ASN B 278 -24.80 7.56 -0.74
N SER B 279 -23.76 7.62 -1.58
CA SER B 279 -23.32 8.93 -2.07
C SER B 279 -24.32 9.45 -3.10
N LYS B 280 -24.58 10.74 -3.03
CA LYS B 280 -25.63 11.38 -3.84
C LYS B 280 -25.09 12.67 -4.46
N LYS B 281 -25.97 13.43 -5.12
CA LYS B 281 -25.54 14.63 -5.82
C LYS B 281 -25.27 15.78 -4.85
N THR B 282 -24.57 16.80 -5.37
CA THR B 282 -24.02 17.85 -4.52
C THR B 282 -25.10 18.65 -3.78
N SER B 283 -26.35 18.63 -4.25
CA SER B 283 -27.43 19.31 -3.55
C SER B 283 -27.67 18.74 -2.14
N TYR B 284 -27.32 17.49 -1.88
CA TYR B 284 -27.39 17.02 -0.49
C TYR B 284 -26.45 17.81 0.42
N LEU B 285 -25.41 18.44 -0.13
CA LEU B 285 -24.51 19.25 0.70
C LEU B 285 -24.97 20.70 0.81
N THR B 286 -25.49 21.31 -0.26
CA THR B 286 -26.01 22.67 -0.17
C THR B 286 -27.19 22.75 0.79
N GLU B 287 -27.91 21.65 0.95
CA GLU B 287 -28.91 21.54 2.02
C GLU B 287 -28.30 21.86 3.38
N LEU B 288 -27.10 21.33 3.65
CA LEU B 288 -26.49 21.56 4.95
C LEU B 288 -25.96 22.99 5.06
N ILE B 289 -25.51 23.55 3.93
CA ILE B 289 -25.04 24.92 3.91
C ILE B 289 -26.19 25.87 4.19
N ASP B 290 -27.34 25.65 3.54
CA ASP B 290 -28.54 26.44 3.82
C ASP B 290 -28.96 26.31 5.27
N ARG B 291 -28.86 25.11 5.84
CA ARG B 291 -29.28 24.91 7.21
C ARG B 291 -28.38 25.67 8.17
N PHE B 292 -27.06 25.63 7.94
CA PHE B 292 -26.13 26.41 8.75
C PHE B 292 -26.41 27.89 8.63
N LYS B 293 -26.83 28.35 7.46
CA LYS B 293 -27.19 29.76 7.31
C LYS B 293 -28.47 30.07 8.07
N ARG B 294 -29.49 29.21 7.98
CA ARG B 294 -30.72 29.48 8.71
C ARG B 294 -30.49 29.42 10.21
N TRP B 295 -29.50 28.65 10.65
CA TRP B 295 -29.19 28.50 12.08
C TRP B 295 -28.48 29.73 12.62
N LYS B 296 -27.43 30.19 11.92
CA LYS B 296 -26.80 31.47 12.27
C LYS B 296 -27.82 32.60 12.24
N ALA B 297 -28.68 32.61 11.20
CA ALA B 297 -29.64 33.69 11.03
C ALA B 297 -30.51 33.87 12.26
N GLU B 298 -31.10 32.78 12.76
CA GLU B 298 -32.04 32.90 13.86
C GLU B 298 -31.36 33.11 15.22
N GLY B 299 -30.08 33.45 15.24
CA GLY B 299 -29.35 33.52 16.49
C GLY B 299 -29.20 32.16 17.14
N HIS B 300 -29.12 31.09 16.33
CA HIS B 300 -29.13 29.69 16.77
C HIS B 300 -30.35 29.39 17.65
C1 EDO C . 6.00 -39.52 -3.60
O1 EDO C . 5.93 -38.65 -2.47
C2 EDO C . 4.86 -40.53 -3.55
O2 EDO C . 3.61 -39.84 -3.42
C1 EDO D . 15.85 -16.13 -18.93
O1 EDO D . 14.93 -16.81 -19.80
C2 EDO D . 17.07 -15.69 -19.74
O2 EDO D . 18.23 -15.94 -18.96
N3 59T E . 19.61 -24.36 0.53
C4 59T E . 18.46 -24.70 1.16
C5 59T E . 18.17 -24.27 2.45
C6 59T E . 19.08 -23.46 3.10
C7 59T E . 20.25 -23.10 2.46
C8 59T E . 17.48 -25.46 0.35
C10 59T E . 16.58 -27.57 -0.41
C13 59T E . 16.54 -24.81 -0.45
C15 59T E . 15.25 -27.78 -3.57
C20 59T E . 11.34 -30.10 -4.68
C22 59T E . 11.55 -29.50 -2.50
C24 59T E . 13.61 -28.20 -1.83
C26 59T E . 10.90 -30.62 -7.05
C28 59T E . 14.94 -26.80 -6.35
C1 59T E . 21.74 -23.21 0.42
C2 59T E . 20.49 -23.58 1.17
C9 59T E . 17.48 -26.86 0.37
C11 59T E . 15.66 -26.92 -1.23
C12 59T E . 15.65 -25.53 -1.23
C14 59T E . 14.80 -27.67 -2.18
O16 59T E . 16.38 -27.50 -3.93
N17 59T E . 14.37 -28.31 -4.49
C18 59T E . 13.15 -28.87 -4.13
N19 59T E . 12.45 -29.48 -5.09
N21 59T E . 10.85 -30.15 -3.43
C23 59T E . 12.75 -28.83 -2.78
N25 59T E . 10.62 -30.73 -5.63
C27 59T E . 14.74 -28.23 -5.90
O30 59T E . 13.67 -26.22 -6.49
C31 59T E . 13.75 -24.84 -6.85
C32 59T E . 14.57 -24.64 -8.11
C34 59T E . 15.85 -25.47 -8.04
O35 59T E . 15.58 -26.81 -7.59
N36 59T E . 14.86 -23.22 -8.31
CL1 59T E . 16.58 -29.30 -0.32
CL CL F . 1.95 -28.36 -17.13
C1 EDO G . -11.92 17.11 21.46
O1 EDO G . -11.11 18.27 21.60
C2 EDO G . -12.21 16.88 19.98
O2 EDO G . -13.13 17.88 19.50
N3 59T H . -1.35 29.03 6.04
C4 59T H . -1.89 28.86 4.81
C5 59T H . -1.11 28.57 3.69
C6 59T H . 0.26 28.45 3.85
C7 59T H . 0.82 28.63 5.10
C8 59T H . -3.36 29.01 4.72
C10 59T H . -5.30 30.39 4.40
C13 59T H . -4.21 27.93 4.96
C15 59T H . -8.23 29.62 6.10
C20 59T H . -12.52 29.77 4.19
C22 59T H . -10.78 29.58 2.73
C24 59T H . -8.44 29.49 3.68
C26 59T H . -14.49 29.71 5.64
C28 59T H . -9.82 28.25 8.20
C1 59T H . 0.54 29.16 7.55
C2 59T H . -0.01 28.92 6.18
C9 59T H . -3.93 30.25 4.42
C11 59T H . -6.17 29.33 4.67
C12 59T H . -5.59 28.08 4.93
C14 59T H . -7.63 29.51 4.77
O16 59T H . -7.58 29.80 7.12
N17 59T H . -9.61 29.62 6.18
C18 59T H . -10.43 29.61 5.08
N19 59T H . -11.76 29.71 5.30
N21 59T H . -12.10 29.70 2.91
C23 59T H . -9.87 29.55 3.79
N25 59T H . -13.83 29.95 4.38
C27 59T H . -10.20 29.54 7.52
O30 59T H . -10.46 27.20 7.53
C31 59T H . -10.05 25.92 8.07
C32 59T H . -10.24 25.85 9.57
C34 59T H . -9.73 27.12 10.24
O35 59T H . -10.19 28.30 9.55
N36 59T H . -9.56 24.69 10.13
CL1 59T H . -5.96 31.94 3.99
#